data_2P7N
#
_entry.id   2P7N
#
_cell.length_a   55.026
_cell.length_b   66.981
_cell.length_c   194.782
_cell.angle_alpha   90.000
_cell.angle_beta   90.000
_cell.angle_gamma   90.000
#
_symmetry.space_group_name_H-M   'I 2 2 2'
#
loop_
_entity.id
_entity.type
_entity.pdbx_description
1 polymer 'Pathogenicity island 1 effector protein'
2 water water
#
_entity_poly.entity_id   1
_entity_poly.type   'polypeptide(L)'
_entity_poly.pdbx_seq_one_letter_code
;(MSE)YGIQTSASLPLTRPQALETQAAAPQSDAPDASAGQTRAAPQGSAAPALAAARAKADELGQAAREVRASVERQTAY
ETRLAAQRSAAAFSGGEPPQARREAPGAELDEARNAQTVSARLFEGNLKGVAQSGHA(MSE)SAEQKQALQSGLDDVFAD
APPQARSAGAP(MSE)LYSANAAAGQG(MSE)ADSDLWD(MSE)ISDQIGKIKDNYLGVYENVVGQYTDFYKAFSDILSQ
(MSE)ANWIKPGGDGNKVKLNVDALKAALEKLKKDFSLGDNLDNKKAVLFPAQSKDGGIQGGSESDARKWAKE(MSE)GL
PDAPPPGFSCVQKAADGNWVVVVD(MSE)TPIDT(MSE)IRDVGALGSGTELELDNAKFQAWQSGFKAQEENLKNTLQTL
TQKYSNANSLFDNLVKVLSSTISSCLETAKSFLQILEHHHHHH
;
_entity_poly.pdbx_strand_id   A
#
# COMPACT_ATOMS: atom_id res chain seq x y z
N PRO A 47 36.39 0.23 5.20
CA PRO A 47 36.37 1.19 6.34
C PRO A 47 34.98 1.26 6.96
N ALA A 48 34.27 2.34 6.67
CA ALA A 48 32.91 2.52 7.21
C ALA A 48 31.96 1.59 6.48
N LEU A 49 32.50 0.52 5.91
CA LEU A 49 31.68 -0.46 5.22
C LEU A 49 30.87 -1.21 6.27
N ALA A 50 31.48 -1.40 7.44
CA ALA A 50 30.84 -2.08 8.55
C ALA A 50 29.61 -1.31 9.03
N ALA A 51 29.74 0.01 9.09
CA ALA A 51 28.64 0.87 9.53
C ALA A 51 27.48 0.78 8.54
N ALA A 52 27.80 0.51 7.28
CA ALA A 52 26.79 0.39 6.24
C ALA A 52 26.18 -1.00 6.25
N ARG A 53 27.01 -2.01 6.45
CA ARG A 53 26.54 -3.38 6.48
C ARG A 53 25.67 -3.66 7.70
N ALA A 54 25.94 -2.97 8.80
CA ALA A 54 25.16 -3.15 10.02
C ALA A 54 23.73 -2.65 9.79
N LYS A 55 23.61 -1.40 9.38
CA LYS A 55 22.30 -0.80 9.12
C LYS A 55 21.56 -1.57 8.04
N ALA A 56 22.30 -2.05 7.04
CA ALA A 56 21.72 -2.82 5.95
C ALA A 56 20.81 -3.90 6.52
N ASP A 57 21.32 -4.64 7.51
CA ASP A 57 20.55 -5.71 8.13
C ASP A 57 19.41 -5.12 8.97
N GLU A 58 19.69 -4.04 9.69
CA GLU A 58 18.68 -3.39 10.50
C GLU A 58 17.48 -3.01 9.65
N LEU A 59 17.76 -2.48 8.47
CA LEU A 59 16.70 -2.10 7.54
C LEU A 59 15.96 -3.40 7.21
N GLY A 60 16.73 -4.39 6.73
CA GLY A 60 16.16 -5.67 6.38
C GLY A 60 15.16 -6.19 7.39
N GLN A 61 15.49 -6.07 8.67
CA GLN A 61 14.59 -6.51 9.74
C GLN A 61 13.35 -5.61 9.82
N ALA A 62 13.58 -4.33 10.09
CA ALA A 62 12.52 -3.35 10.22
C ALA A 62 11.49 -3.47 9.10
N ALA A 63 11.96 -3.61 7.86
CA ALA A 63 11.06 -3.73 6.73
C ALA A 63 10.22 -4.99 6.86
N ARG A 64 10.90 -6.11 7.07
CA ARG A 64 10.25 -7.41 7.23
C ARG A 64 9.21 -7.38 8.34
N GLU A 65 9.50 -6.68 9.43
CA GLU A 65 8.55 -6.60 10.53
C GLU A 65 7.34 -5.78 10.09
N VAL A 66 7.58 -4.59 9.54
CA VAL A 66 6.48 -3.76 9.07
C VAL A 66 5.62 -4.64 8.18
N ARG A 67 6.26 -5.25 7.18
CA ARG A 67 5.57 -6.12 6.25
C ARG A 67 4.64 -7.07 7.01
N ALA A 68 5.25 -7.91 7.86
CA ALA A 68 4.51 -8.87 8.65
C ALA A 68 3.42 -8.19 9.48
N SER A 69 3.64 -6.93 9.82
CA SER A 69 2.66 -6.17 10.60
C SER A 69 1.44 -5.87 9.76
N VAL A 70 1.67 -5.45 8.51
CA VAL A 70 0.57 -5.14 7.61
C VAL A 70 -0.09 -6.46 7.20
N GLU A 71 0.72 -7.48 6.96
CA GLU A 71 0.22 -8.79 6.57
C GLU A 71 -0.63 -9.42 7.66
N ARG A 72 -0.42 -8.99 8.91
CA ARG A 72 -1.18 -9.53 10.04
C ARG A 72 -2.47 -8.72 10.27
N GLN A 73 -2.38 -7.40 10.22
CA GLN A 73 -3.57 -6.58 10.43
C GLN A 73 -4.59 -6.92 9.35
N THR A 74 -4.15 -6.90 8.09
CA THR A 74 -5.04 -7.24 6.98
C THR A 74 -5.77 -8.53 7.30
N ALA A 75 -4.99 -9.58 7.60
CA ALA A 75 -5.56 -10.89 7.93
C ALA A 75 -6.59 -10.83 9.05
N TYR A 76 -6.30 -10.12 10.13
CA TYR A 76 -7.24 -10.01 11.24
C TYR A 76 -8.52 -9.34 10.80
N GLU A 77 -8.38 -8.15 10.21
CA GLU A 77 -9.53 -7.39 9.71
C GLU A 77 -10.44 -8.24 8.85
N THR A 78 -9.85 -8.88 7.85
CA THR A 78 -10.59 -9.73 6.92
C THR A 78 -11.51 -10.71 7.63
N ARG A 79 -10.99 -11.36 8.67
CA ARG A 79 -11.77 -12.32 9.44
C ARG A 79 -12.77 -11.62 10.36
N LEU A 80 -12.37 -10.49 10.92
CA LEU A 80 -13.25 -9.73 11.81
C LEU A 80 -14.46 -9.30 11.02
N ALA A 81 -14.23 -8.84 9.79
CA ALA A 81 -15.33 -8.40 8.92
C ALA A 81 -16.30 -9.57 8.77
N ALA A 82 -15.77 -10.72 8.38
CA ALA A 82 -16.56 -11.93 8.19
C ALA A 82 -17.42 -12.23 9.41
N GLN A 83 -16.79 -12.28 10.58
CA GLN A 83 -17.51 -12.58 11.82
C GLN A 83 -18.37 -11.43 12.33
N ARG A 84 -18.49 -10.38 11.53
CA ARG A 84 -19.31 -9.23 11.90
C ARG A 84 -20.54 -9.18 11.00
N SER A 85 -20.35 -9.60 9.76
CA SER A 85 -21.43 -9.63 8.78
C SER A 85 -22.35 -10.78 9.16
N ALA A 86 -21.78 -11.98 9.23
CA ALA A 86 -22.53 -13.17 9.60
C ALA A 86 -23.35 -12.88 10.85
N ALA A 87 -22.70 -12.30 11.84
CA ALA A 87 -23.35 -11.97 13.10
C ALA A 87 -24.51 -10.99 12.89
N ALA A 88 -24.34 -10.06 11.95
CA ALA A 88 -25.36 -9.07 11.65
C ALA A 88 -26.65 -9.71 11.12
N PHE A 89 -26.50 -10.57 10.12
CA PHE A 89 -27.65 -11.24 9.51
C PHE A 89 -28.20 -12.38 10.35
N SER A 90 -27.30 -13.30 10.68
CA SER A 90 -27.67 -14.49 11.40
C SER A 90 -27.89 -14.36 12.86
N GLY A 91 -28.72 -13.38 13.18
CA GLY A 91 -29.17 -13.09 14.55
C GLY A 91 -28.41 -13.40 15.78
N GLY A 92 -27.26 -13.92 15.34
CA GLY A 92 -26.85 -15.10 16.10
C GLY A 92 -25.97 -15.08 17.21
N GLU A 93 -24.72 -15.02 16.84
CA GLU A 93 -23.74 -14.54 17.81
C GLU A 93 -23.90 -12.98 17.59
N PRO A 94 -23.28 -12.20 18.49
CA PRO A 94 -23.23 -10.74 18.34
C PRO A 94 -22.02 -10.40 17.50
N PRO A 95 -21.91 -9.09 17.04
CA PRO A 95 -20.72 -8.65 16.39
C PRO A 95 -19.76 -8.41 17.60
N ALA A 97 -16.01 -7.62 18.21
CA ALA A 97 -15.49 -6.30 17.85
C ALA A 97 -14.04 -6.16 18.26
N ARG A 98 -13.46 -5.16 17.63
CA ARG A 98 -12.07 -5.20 17.35
C ARG A 98 -10.98 -5.03 18.30
N ARG A 99 -10.09 -6.01 18.40
CA ARG A 99 -8.94 -5.83 19.27
C ARG A 99 -7.68 -6.21 18.49
N GLU A 100 -6.76 -5.26 18.36
CA GLU A 100 -5.56 -5.47 17.59
C GLU A 100 -4.41 -6.05 18.38
N ALA A 101 -3.64 -6.91 17.72
CA ALA A 101 -2.42 -7.42 18.34
C ALA A 101 -1.24 -6.77 17.60
N PRO A 102 0.00 -7.09 18.05
CA PRO A 102 1.23 -6.55 17.43
C PRO A 102 1.24 -6.71 15.93
N GLY A 103 0.05 -7.02 15.41
CA GLY A 103 -0.21 -6.87 14.00
C GLY A 103 -0.86 -5.44 13.87
N ALA A 104 -0.24 -4.40 14.46
CA ALA A 104 -0.71 -3.01 14.29
C ALA A 104 0.38 -2.35 13.42
N GLU A 105 0.11 -2.24 12.12
CA GLU A 105 1.11 -1.76 11.20
C GLU A 105 1.97 -0.61 11.62
N LEU A 106 1.32 0.49 11.91
CA LEU A 106 2.05 1.72 12.11
C LEU A 106 3.07 1.80 13.19
N ASP A 107 2.70 1.14 14.31
CA ASP A 107 3.34 1.40 15.62
C ASP A 107 4.70 1.50 16.23
N GLU A 108 5.29 0.34 16.43
CA GLU A 108 6.68 0.24 16.84
C GLU A 108 7.31 -0.30 15.53
N ALA A 109 6.46 -0.66 14.58
CA ALA A 109 6.92 -1.22 13.33
C ALA A 109 7.47 -0.24 12.33
N ARG A 110 6.62 0.65 11.86
CA ARG A 110 6.99 1.51 10.74
C ARG A 110 8.06 2.51 11.03
N ASN A 111 8.67 2.37 12.19
CA ASN A 111 9.60 3.38 12.67
C ASN A 111 11.04 2.97 12.64
N ALA A 112 11.29 1.73 12.99
CA ALA A 112 12.63 1.17 12.91
C ALA A 112 13.00 1.13 11.41
N GLN A 113 11.99 1.02 10.55
CA GLN A 113 12.22 0.97 9.11
C GLN A 113 12.65 2.32 8.55
N THR A 114 12.05 3.40 9.03
CA THR A 114 12.37 4.74 8.57
C THR A 114 13.75 5.21 9.04
N VAL A 115 14.10 4.91 10.28
CA VAL A 115 15.38 5.32 10.84
C VAL A 115 16.57 4.50 10.33
N SER A 116 16.36 3.20 10.13
CA SER A 116 17.44 2.34 9.64
C SER A 116 17.64 2.58 8.15
N ALA A 117 16.59 3.06 7.48
CA ALA A 117 16.67 3.35 6.06
C ALA A 117 17.45 4.65 5.85
N ARG A 118 17.18 5.64 6.69
CA ARG A 118 17.86 6.93 6.61
C ARG A 118 19.35 6.73 6.77
N LEU A 119 19.73 6.19 7.92
CA LEU A 119 21.13 5.94 8.25
C LEU A 119 21.83 5.21 7.11
N PHE A 120 21.29 4.05 6.74
CA PHE A 120 21.85 3.26 5.66
C PHE A 120 22.13 4.10 4.41
N GLU A 121 21.15 4.90 4.01
CA GLU A 121 21.30 5.75 2.84
C GLU A 121 22.46 6.71 3.02
N GLY A 122 22.65 7.16 4.25
CA GLY A 122 23.73 8.08 4.54
C GLY A 122 25.06 7.34 4.53
N ASN A 123 25.10 6.20 5.21
CA ASN A 123 26.31 5.39 5.27
C ASN A 123 26.81 5.10 3.86
N LEU A 124 25.89 4.87 2.92
CA LEU A 124 26.28 4.61 1.55
C LEU A 124 26.93 5.84 0.95
N LYS A 125 26.59 7.01 1.47
CA LYS A 125 27.20 8.26 1.00
C LYS A 125 28.61 8.29 1.57
N GLY A 126 28.83 7.53 2.63
CA GLY A 126 30.15 7.47 3.25
C GLY A 126 31.05 6.53 2.49
N VAL A 127 30.52 5.37 2.13
CA VAL A 127 31.28 4.37 1.39
C VAL A 127 31.79 5.01 0.10
N ALA A 128 31.06 6.02 -0.38
CA ALA A 128 31.44 6.72 -1.59
C ALA A 128 32.69 7.55 -1.36
N GLN A 129 32.73 8.25 -0.22
CA GLN A 129 33.85 9.10 0.14
C GLN A 129 35.18 8.37 0.31
N SER A 130 35.15 7.11 0.70
CA SER A 130 36.37 6.34 0.86
C SER A 130 36.91 6.01 -0.53
N GLY A 131 38.18 5.61 -0.58
CA GLY A 131 38.78 5.28 -1.87
C GLY A 131 38.80 3.80 -2.20
N HIS A 132 37.70 3.11 -1.93
CA HIS A 132 37.65 1.68 -2.22
C HIS A 132 37.51 1.51 -3.73
N ALA A 133 38.17 0.48 -4.27
CA ALA A 133 38.13 0.21 -5.69
C ALA A 133 37.65 -1.22 -5.93
N SER A 135 36.97 -4.62 -7.01
CA SER A 135 37.47 -5.46 -8.09
C SER A 135 36.47 -5.56 -9.23
N ALA A 136 36.79 -5.71 -10.42
CA ALA A 136 35.84 -5.76 -11.51
C ALA A 136 34.95 -6.99 -11.40
N GLU A 137 35.37 -7.92 -10.55
CA GLU A 137 34.63 -9.16 -10.32
C GLU A 137 33.49 -8.95 -9.34
N GLN A 138 33.56 -7.85 -8.59
CA GLN A 138 32.52 -7.53 -7.61
C GLN A 138 31.40 -6.77 -8.32
N LYS A 139 31.78 -5.73 -9.07
CA LYS A 139 30.82 -4.94 -9.82
C LYS A 139 29.92 -5.87 -10.61
N GLN A 140 30.50 -6.96 -11.10
CA GLN A 140 29.75 -7.94 -11.87
C GLN A 140 28.75 -8.66 -10.97
N ALA A 141 29.09 -8.76 -9.69
CA ALA A 141 28.22 -9.40 -8.72
C ALA A 141 27.08 -8.43 -8.35
N LEU A 142 27.44 -7.17 -8.10
CA LEU A 142 26.45 -6.16 -7.77
C LEU A 142 25.48 -6.08 -8.94
N GLN A 143 26.02 -6.22 -10.14
CA GLN A 143 25.24 -6.16 -11.36
C GLN A 143 24.40 -7.43 -11.52
N SER A 144 24.94 -8.55 -11.04
CA SER A 144 24.23 -9.82 -11.10
C SER A 144 23.10 -9.76 -10.09
N GLY A 145 23.40 -9.20 -8.92
CA GLY A 145 22.41 -9.08 -7.87
C GLY A 145 21.28 -8.15 -8.24
N LEU A 146 21.59 -7.04 -8.91
CA LEU A 146 20.56 -6.10 -9.31
C LEU A 146 19.61 -6.72 -10.31
N ASP A 147 20.13 -7.55 -11.21
CA ASP A 147 19.30 -8.20 -12.21
C ASP A 147 18.24 -9.07 -11.54
N ASP A 148 18.69 -10.07 -10.78
CA ASP A 148 17.76 -10.96 -10.08
C ASP A 148 16.67 -10.17 -9.37
N VAL A 149 17.07 -9.07 -8.74
CA VAL A 149 16.15 -8.22 -8.02
C VAL A 149 15.03 -7.65 -8.89
N PHE A 150 15.39 -7.12 -10.05
CA PHE A 150 14.41 -6.47 -10.94
C PHE A 150 14.17 -7.25 -12.21
N ALA A 151 14.44 -8.54 -12.17
CA ALA A 151 14.36 -9.34 -13.39
C ALA A 151 13.01 -9.52 -13.98
N ASP A 152 12.19 -10.33 -13.32
CA ASP A 152 10.86 -10.66 -13.83
C ASP A 152 9.77 -9.84 -13.16
N ALA A 153 10.18 -8.69 -12.61
CA ALA A 153 9.27 -7.89 -11.86
C ALA A 153 8.50 -6.90 -12.70
N PRO A 154 7.26 -6.55 -12.26
CA PRO A 154 6.42 -5.71 -13.06
C PRO A 154 7.00 -4.45 -13.62
N PRO A 155 6.15 -3.64 -14.27
CA PRO A 155 6.61 -2.41 -14.92
C PRO A 155 6.96 -1.27 -13.97
N GLN A 156 6.03 -0.86 -13.12
CA GLN A 156 6.29 0.25 -12.20
C GLN A 156 7.45 -0.05 -11.26
N ALA A 157 7.97 -1.27 -11.32
CA ALA A 157 9.10 -1.67 -10.48
C ALA A 157 10.40 -1.45 -11.25
N ARG A 158 10.43 -1.88 -12.51
CA ARG A 158 11.62 -1.71 -13.34
C ARG A 158 11.95 -0.24 -13.46
N SER A 159 10.90 0.60 -13.48
CA SER A 159 11.08 2.03 -13.59
C SER A 159 11.79 2.55 -12.35
N ALA A 160 11.53 1.92 -11.22
CA ALA A 160 12.15 2.31 -9.96
C ALA A 160 13.56 1.73 -9.83
N GLY A 161 13.81 0.64 -10.55
CA GLY A 161 15.12 0.02 -10.48
C GLY A 161 15.94 0.25 -11.74
N ALA A 162 15.47 1.15 -12.60
CA ALA A 162 16.17 1.45 -13.83
C ALA A 162 17.48 2.21 -13.60
N PRO A 163 17.41 3.40 -12.99
CA PRO A 163 18.63 4.18 -12.74
C PRO A 163 19.72 3.39 -12.03
N LEU A 165 20.03 0.17 -12.04
CA LEU A 165 20.46 -0.87 -12.97
C LEU A 165 21.35 -0.27 -14.06
N TYR A 166 21.19 1.02 -14.33
CA TYR A 166 22.01 1.70 -15.33
C TYR A 166 23.42 1.88 -14.79
N SER A 167 23.50 2.23 -13.51
CA SER A 167 24.78 2.43 -12.85
C SER A 167 25.52 1.11 -12.79
N ALA A 168 24.77 0.03 -12.59
CA ALA A 168 25.33 -1.31 -12.51
C ALA A 168 26.10 -1.65 -13.79
N ASN A 169 25.40 -1.66 -14.92
CA ASN A 169 26.04 -1.99 -16.20
C ASN A 169 27.14 -0.96 -16.50
N ALA A 170 26.95 0.25 -15.98
CA ALA A 170 27.89 1.35 -16.20
C ALA A 170 29.29 1.08 -15.68
N ALA A 171 29.44 0.92 -14.37
CA ALA A 171 30.74 0.67 -13.78
C ALA A 171 31.13 -0.80 -13.91
N ALA A 172 30.16 -1.65 -14.26
CA ALA A 172 30.42 -3.06 -14.40
C ALA A 172 31.16 -3.45 -15.68
N GLY A 173 30.90 -2.74 -16.77
CA GLY A 173 31.58 -3.07 -18.01
C GLY A 173 31.84 -1.93 -18.97
N GLN A 174 31.54 -0.70 -18.54
CA GLN A 174 31.76 0.46 -19.40
C GLN A 174 32.76 1.46 -18.84
N GLY A 175 32.72 1.70 -17.53
CA GLY A 175 33.65 2.64 -16.94
C GLY A 175 33.02 3.82 -16.24
N ALA A 177 33.24 5.79 -12.38
CA ALA A 177 33.96 5.88 -11.11
C ALA A 177 33.12 5.36 -9.96
N ASP A 178 33.71 4.49 -9.14
CA ASP A 178 33.04 3.89 -7.99
C ASP A 178 32.30 4.94 -7.14
N SER A 179 33.01 5.99 -6.76
CA SER A 179 32.41 7.04 -5.95
C SER A 179 31.04 7.43 -6.54
N ASP A 180 31.03 7.65 -7.85
CA ASP A 180 29.80 8.02 -8.57
C ASP A 180 28.76 6.92 -8.45
N LEU A 181 29.23 5.67 -8.41
CA LEU A 181 28.36 4.52 -8.31
C LEU A 181 27.66 4.45 -6.94
N TRP A 182 28.45 4.52 -5.88
CA TRP A 182 27.91 4.47 -4.53
C TRP A 182 26.89 5.56 -4.26
N ASP A 183 27.15 6.77 -4.76
CA ASP A 183 26.23 7.88 -4.57
C ASP A 183 24.90 7.57 -5.24
N ILE A 185 23.69 5.11 -5.79
CA ILE A 185 23.09 4.01 -5.05
C ILE A 185 22.45 4.51 -3.76
N SER A 186 23.18 5.32 -3.01
CA SER A 186 22.66 5.87 -1.75
C SER A 186 21.46 6.74 -2.10
N ASP A 187 21.43 7.19 -3.35
CA ASP A 187 20.37 8.05 -3.85
C ASP A 187 19.08 7.25 -4.10
N GLN A 188 19.19 6.21 -4.92
CA GLN A 188 18.05 5.39 -5.28
C GLN A 188 17.42 4.54 -4.17
N ILE A 189 18.22 4.07 -3.21
CA ILE A 189 17.65 3.28 -2.14
C ILE A 189 16.54 4.11 -1.51
N GLY A 190 16.81 5.40 -1.34
CA GLY A 190 15.83 6.29 -0.75
C GLY A 190 14.66 6.51 -1.69
N LYS A 191 14.95 6.82 -2.95
CA LYS A 191 13.89 7.04 -3.93
C LYS A 191 13.07 5.77 -4.13
N ILE A 192 13.73 4.61 -4.10
CA ILE A 192 13.02 3.34 -4.26
C ILE A 192 12.14 3.09 -3.05
N LYS A 193 12.62 3.47 -1.87
CA LYS A 193 11.85 3.27 -0.66
C LYS A 193 10.68 4.27 -0.61
N ASP A 194 10.93 5.48 -1.11
CA ASP A 194 9.92 6.53 -1.13
C ASP A 194 8.94 6.46 -2.28
N ASN A 195 9.45 6.29 -3.47
CA ASN A 195 8.54 6.29 -4.57
C ASN A 195 7.81 4.96 -4.74
N TYR A 196 8.50 3.81 -4.65
CA TYR A 196 7.93 2.49 -4.90
C TYR A 196 7.37 1.75 -3.72
N LEU A 197 8.22 1.53 -2.73
CA LEU A 197 7.82 0.86 -1.48
C LEU A 197 6.93 1.75 -0.60
N GLY A 198 7.23 3.04 -0.59
CA GLY A 198 6.44 3.98 0.18
C GLY A 198 5.05 4.12 -0.42
N VAL A 199 4.97 4.05 -1.74
CA VAL A 199 3.68 4.17 -2.43
C VAL A 199 2.74 3.06 -1.93
N TYR A 200 3.17 1.82 -2.05
CA TYR A 200 2.37 0.71 -1.61
C TYR A 200 2.02 0.73 -0.13
N GLU A 201 2.99 1.07 0.71
CA GLU A 201 2.75 1.14 2.14
C GLU A 201 1.64 2.15 2.44
N ASN A 202 1.66 3.28 1.74
CA ASN A 202 0.64 4.28 1.94
C ASN A 202 -0.68 3.79 1.37
N VAL A 203 -0.63 3.26 0.15
CA VAL A 203 -1.81 2.72 -0.51
C VAL A 203 -2.58 1.78 0.40
N VAL A 204 -1.88 0.78 0.93
CA VAL A 204 -2.51 -0.21 1.82
C VAL A 204 -2.98 0.43 3.12
N GLY A 205 -2.17 1.33 3.68
CA GLY A 205 -2.56 1.98 4.91
C GLY A 205 -3.86 2.74 4.69
N GLN A 206 -3.88 3.53 3.62
CA GLN A 206 -5.06 4.33 3.28
C GLN A 206 -6.25 3.46 2.98
N TYR A 207 -6.01 2.35 2.31
CA TYR A 207 -7.10 1.45 1.96
C TYR A 207 -7.65 0.70 3.17
N THR A 208 -6.75 0.36 4.10
CA THR A 208 -7.15 -0.35 5.30
C THR A 208 -8.02 0.48 6.22
N ASP A 209 -7.85 1.80 6.19
CA ASP A 209 -8.66 2.67 7.03
C ASP A 209 -10.08 2.68 6.49
N PHE A 210 -10.19 2.62 5.17
CA PHE A 210 -11.48 2.59 4.49
C PHE A 210 -12.17 1.28 4.82
N TYR A 211 -11.43 0.19 4.67
CA TYR A 211 -11.96 -1.14 4.93
C TYR A 211 -12.28 -1.30 6.42
N LYS A 212 -11.56 -0.58 7.26
CA LYS A 212 -11.79 -0.65 8.70
C LYS A 212 -13.10 0.03 9.04
N ALA A 213 -13.38 1.13 8.34
CA ALA A 213 -14.60 1.89 8.55
C ALA A 213 -15.80 1.10 8.01
N PHE A 214 -15.57 0.31 6.97
CA PHE A 214 -16.64 -0.49 6.41
C PHE A 214 -17.06 -1.57 7.38
N SER A 215 -16.08 -2.25 7.97
CA SER A 215 -16.35 -3.31 8.92
C SER A 215 -17.04 -2.76 10.17
N ASP A 216 -16.83 -1.48 10.43
CA ASP A 216 -17.45 -0.82 11.58
C ASP A 216 -18.94 -0.65 11.33
N ILE A 217 -19.31 -0.61 10.06
CA ILE A 217 -20.71 -0.47 9.69
C ILE A 217 -21.44 -1.80 9.84
N LEU A 218 -20.76 -2.89 9.52
CA LEU A 218 -21.34 -4.21 9.63
C LEU A 218 -21.72 -4.48 11.09
N SER A 219 -20.89 -4.00 12.01
CA SER A 219 -21.13 -4.18 13.44
C SER A 219 -22.42 -3.50 13.84
N GLN A 220 -22.62 -2.28 13.36
CA GLN A 220 -23.83 -1.53 13.68
C GLN A 220 -25.03 -2.05 12.88
N ALA A 222 -25.88 -4.90 12.60
CA ALA A 222 -26.49 -5.94 13.41
C ALA A 222 -27.75 -5.45 14.08
N ASN A 223 -27.73 -4.22 14.59
CA ASN A 223 -28.88 -3.64 15.26
C ASN A 223 -29.91 -3.08 14.28
N TRP A 224 -29.63 -3.23 12.99
CA TRP A 224 -30.56 -2.73 11.97
C TRP A 224 -31.28 -3.88 11.27
N ILE A 225 -31.10 -5.09 11.78
CA ILE A 225 -31.73 -6.27 11.21
C ILE A 225 -31.58 -7.48 12.12
N LYS A 235 -38.04 -5.61 10.20
CA LYS A 235 -37.03 -6.48 9.64
C LYS A 235 -35.83 -5.68 9.18
N LEU A 236 -36.08 -4.61 8.44
CA LEU A 236 -34.99 -3.81 7.91
C LEU A 236 -35.01 -2.35 8.28
N ASN A 237 -33.84 -1.82 8.61
CA ASN A 237 -33.73 -0.38 8.79
C ASN A 237 -32.95 0.11 7.54
N VAL A 238 -33.58 0.04 6.36
CA VAL A 238 -32.95 0.46 5.12
C VAL A 238 -32.40 1.88 5.20
N ASP A 239 -32.90 2.69 6.14
CA ASP A 239 -32.43 4.07 6.26
C ASP A 239 -31.04 4.17 6.90
N ALA A 240 -30.92 3.66 8.12
CA ALA A 240 -29.66 3.70 8.84
C ALA A 240 -28.56 2.95 8.09
N LEU A 241 -28.92 1.87 7.41
CA LEU A 241 -27.95 1.09 6.67
C LEU A 241 -27.50 1.88 5.44
N LYS A 242 -28.45 2.46 4.73
CA LYS A 242 -28.14 3.24 3.54
C LYS A 242 -27.52 4.57 3.92
N ALA A 243 -27.75 5.00 5.16
CA ALA A 243 -27.19 6.27 5.64
C ALA A 243 -25.71 6.10 5.95
N ALA A 244 -25.35 4.96 6.53
CA ALA A 244 -23.97 4.67 6.89
C ALA A 244 -23.13 4.56 5.63
N LEU A 245 -23.50 3.65 4.74
CA LEU A 245 -22.79 3.44 3.48
C LEU A 245 -22.52 4.79 2.83
N GLU A 246 -23.51 5.68 2.91
CA GLU A 246 -23.38 7.01 2.34
C GLU A 246 -22.28 7.78 3.06
N LYS A 247 -22.15 7.54 4.36
CA LYS A 247 -21.12 8.20 5.16
C LYS A 247 -19.73 7.68 4.81
N LEU A 248 -19.63 6.39 4.51
CA LEU A 248 -18.36 5.81 4.15
C LEU A 248 -17.97 6.37 2.79
N LYS A 249 -18.96 6.54 1.94
CA LYS A 249 -18.73 7.09 0.61
C LYS A 249 -18.16 8.48 0.71
N LYS A 250 -18.83 9.34 1.47
CA LYS A 250 -18.39 10.71 1.64
C LYS A 250 -17.02 10.82 2.34
N ASP A 251 -16.84 10.09 3.43
CA ASP A 251 -15.59 10.13 4.18
C ASP A 251 -14.36 9.68 3.40
N PHE A 252 -14.56 8.84 2.38
CA PHE A 252 -13.43 8.34 1.59
C PHE A 252 -13.54 8.65 0.11
N SER A 253 -13.93 9.89 -0.19
CA SER A 253 -14.06 10.38 -1.56
C SER A 253 -13.78 11.87 -1.53
N LEU A 254 -13.04 12.37 -2.52
CA LEU A 254 -12.77 13.79 -2.58
C LEU A 254 -14.15 14.44 -2.51
N GLY A 255 -14.28 15.51 -1.74
CA GLY A 255 -15.57 16.17 -1.61
C GLY A 255 -15.89 17.11 -2.76
N ASP A 256 -16.77 18.05 -2.50
CA ASP A 256 -17.14 19.03 -3.51
C ASP A 256 -15.96 19.95 -3.71
N ASN A 257 -15.08 19.99 -2.72
CA ASN A 257 -13.88 20.82 -2.76
C ASN A 257 -12.68 20.03 -3.27
N LEU A 258 -12.86 18.73 -3.45
CA LEU A 258 -11.77 17.88 -3.93
C LEU A 258 -10.59 18.02 -2.97
N ASP A 259 -10.86 18.23 -1.69
CA ASP A 259 -9.80 18.42 -0.71
C ASP A 259 -9.63 17.30 0.32
N ASN A 260 -10.52 16.31 0.31
CA ASN A 260 -10.41 15.21 1.27
C ASN A 260 -9.24 14.28 0.91
N LYS A 261 -8.28 14.19 1.81
CA LYS A 261 -7.08 13.37 1.61
C LYS A 261 -7.27 11.91 2.02
N LYS A 262 -8.25 11.65 2.88
CA LYS A 262 -8.52 10.29 3.35
C LYS A 262 -8.87 9.35 2.20
N ALA A 263 -9.21 9.91 1.05
CA ALA A 263 -9.57 9.12 -0.11
C ALA A 263 -8.42 8.98 -1.11
N VAL A 264 -7.23 9.41 -0.72
CA VAL A 264 -6.09 9.35 -1.62
C VAL A 264 -5.19 8.14 -1.44
N LEU A 265 -5.10 7.32 -2.50
CA LEU A 265 -4.26 6.13 -2.51
C LEU A 265 -2.87 6.52 -2.97
N PHE A 266 -2.81 7.56 -3.81
CA PHE A 266 -1.56 8.05 -4.34
C PHE A 266 -1.67 9.53 -4.75
N PRO A 267 -0.67 10.34 -4.41
CA PRO A 267 0.54 9.91 -3.68
C PRO A 267 0.34 10.06 -2.18
N ALA A 268 1.36 9.70 -1.40
CA ALA A 268 1.28 9.83 0.04
C ALA A 268 0.79 11.24 0.34
N GLN A 269 -0.06 11.38 1.33
CA GLN A 269 -0.62 12.67 1.70
C GLN A 269 -0.10 13.19 3.04
N SER A 270 -0.01 14.50 3.16
CA SER A 270 0.43 15.12 4.41
C SER A 270 -0.63 14.78 5.44
N LYS A 271 -0.44 15.24 6.68
CA LYS A 271 -1.42 14.99 7.72
C LYS A 271 -2.31 16.21 7.93
N ASP A 272 -1.67 17.37 8.03
CA ASP A 272 -2.39 18.63 8.21
C ASP A 272 -2.21 19.56 7.04
N GLY A 273 -1.49 19.10 6.02
CA GLY A 273 -1.26 19.92 4.85
C GLY A 273 -2.36 19.75 3.82
N GLY A 274 -2.28 20.55 2.75
CA GLY A 274 -3.28 20.46 1.71
C GLY A 274 -3.10 19.23 0.83
N ILE A 275 -4.12 18.95 0.02
CA ILE A 275 -4.07 17.83 -0.90
C ILE A 275 -2.84 18.09 -1.78
N GLN A 276 -2.37 17.07 -2.49
CA GLN A 276 -1.21 17.24 -3.33
C GLN A 276 -1.07 16.10 -4.33
N GLY A 277 -1.65 16.27 -5.50
CA GLY A 277 -1.58 15.24 -6.52
C GLY A 277 -0.39 15.41 -7.45
N GLY A 278 -0.14 14.40 -8.27
CA GLY A 278 0.96 14.46 -9.22
C GLY A 278 0.43 14.53 -10.63
N SER A 279 1.33 14.60 -11.61
CA SER A 279 0.92 14.68 -13.01
C SER A 279 -0.12 13.64 -13.38
N GLU A 280 -1.02 14.00 -14.30
CA GLU A 280 -2.06 13.09 -14.74
C GLU A 280 -1.47 11.72 -15.13
N SER A 281 -0.37 11.77 -15.88
CA SER A 281 0.29 10.57 -16.32
C SER A 281 0.64 9.64 -15.16
N ASP A 282 1.37 10.17 -14.18
CA ASP A 282 1.77 9.40 -13.01
C ASP A 282 0.62 8.74 -12.26
N ALA A 283 -0.52 9.42 -12.21
CA ALA A 283 -1.69 8.88 -11.53
C ALA A 283 -2.23 7.64 -12.24
N ARG A 284 -2.23 7.67 -13.56
CA ARG A 284 -2.72 6.55 -14.37
C ARG A 284 -1.77 5.36 -14.23
N LYS A 285 -0.48 5.64 -14.36
CA LYS A 285 0.55 4.60 -14.23
C LYS A 285 0.29 3.73 -13.01
N TRP A 286 0.06 4.37 -11.87
CA TRP A 286 -0.20 3.65 -10.64
C TRP A 286 -1.57 3.00 -10.58
N ALA A 287 -2.60 3.73 -10.96
CA ALA A 287 -3.95 3.19 -10.95
C ALA A 287 -3.95 1.83 -11.65
N LYS A 288 -3.27 1.78 -12.79
CA LYS A 288 -3.16 0.56 -13.57
C LYS A 288 -2.49 -0.57 -12.78
N GLU A 289 -1.24 -0.36 -12.41
CA GLU A 289 -0.46 -1.36 -11.68
C GLU A 289 -1.17 -2.00 -10.49
N GLY A 291 -4.37 -2.44 -10.10
CA GLY A 291 -5.68 -2.89 -10.52
C GLY A 291 -6.93 -2.06 -10.26
N LEU A 292 -6.83 -0.75 -10.29
CA LEU A 292 -8.01 0.08 -10.07
C LEU A 292 -8.56 0.64 -11.38
N PRO A 293 -9.88 0.77 -11.49
CA PRO A 293 -10.54 1.28 -12.69
C PRO A 293 -10.16 2.71 -13.04
N ASP A 294 -9.84 2.94 -14.32
CA ASP A 294 -9.44 4.24 -14.84
C ASP A 294 -10.52 4.89 -15.72
N ALA A 295 -11.58 4.12 -16.06
CA ALA A 295 -12.72 4.56 -16.87
C ALA A 295 -13.20 6.00 -16.89
N PRO A 296 -13.15 6.65 -18.08
CA PRO A 296 -13.50 8.05 -18.29
C PRO A 296 -15.00 8.38 -18.11
N PRO A 297 -15.27 9.63 -17.65
CA PRO A 297 -16.65 10.09 -17.42
C PRO A 297 -17.56 9.70 -18.58
N PRO A 298 -18.84 9.41 -18.28
CA PRO A 298 -19.44 9.40 -16.93
C PRO A 298 -19.20 8.14 -16.12
N GLY A 299 -18.45 7.18 -16.66
CA GLY A 299 -18.17 5.96 -15.92
C GLY A 299 -17.42 6.29 -14.65
N PHE A 300 -16.74 5.32 -14.06
CA PHE A 300 -15.99 5.60 -12.84
C PHE A 300 -14.49 5.36 -13.00
N SER A 301 -13.70 6.24 -12.41
CA SER A 301 -12.25 6.13 -12.48
C SER A 301 -11.61 6.54 -11.15
N CYS A 302 -10.59 5.79 -10.73
CA CYS A 302 -9.90 6.11 -9.49
C CYS A 302 -8.95 7.28 -9.68
N VAL A 303 -8.71 7.65 -10.93
CA VAL A 303 -7.84 8.78 -11.25
C VAL A 303 -8.70 10.04 -11.26
N GLN A 304 -8.50 10.92 -10.28
CA GLN A 304 -9.27 12.15 -10.18
C GLN A 304 -8.42 13.37 -9.89
N LYS A 305 -8.91 14.53 -10.31
CA LYS A 305 -8.21 15.80 -10.13
C LYS A 305 -8.54 16.38 -8.76
N ALA A 306 -7.54 16.97 -8.11
CA ALA A 306 -7.71 17.55 -6.79
C ALA A 306 -7.75 19.08 -6.84
N ALA A 307 -7.93 19.71 -5.69
CA ALA A 307 -7.96 21.17 -5.61
C ALA A 307 -6.56 21.67 -5.94
N ASP A 308 -5.73 20.74 -6.39
CA ASP A 308 -4.35 20.98 -6.78
C ASP A 308 -4.32 21.31 -8.26
N GLY A 309 -5.17 20.61 -9.00
CA GLY A 309 -5.21 20.74 -10.43
C GLY A 309 -4.52 19.47 -10.87
N ASN A 310 -3.72 18.94 -9.95
CA ASN A 310 -2.97 17.72 -10.18
C ASN A 310 -3.83 16.47 -10.05
N TRP A 311 -3.18 15.32 -10.08
CA TRP A 311 -3.89 14.05 -10.04
C TRP A 311 -3.61 13.11 -8.87
N VAL A 312 -4.66 12.43 -8.43
CA VAL A 312 -4.59 11.51 -7.31
C VAL A 312 -5.28 10.19 -7.65
N VAL A 313 -4.88 9.12 -6.96
CA VAL A 313 -5.49 7.81 -7.16
C VAL A 313 -6.40 7.62 -5.95
N VAL A 314 -7.69 7.52 -6.21
CA VAL A 314 -8.68 7.38 -5.15
C VAL A 314 -9.19 5.98 -4.82
N VAL A 315 -9.78 5.83 -3.64
CA VAL A 315 -10.34 4.58 -3.15
C VAL A 315 -11.45 4.13 -4.10
N ASP A 316 -11.45 2.85 -4.47
CA ASP A 316 -12.49 2.36 -5.36
C ASP A 316 -13.80 2.27 -4.60
N THR A 318 -16.94 1.85 -6.21
CA THR A 318 -17.99 1.08 -6.87
C THR A 318 -18.66 0.05 -5.96
N PRO A 319 -17.87 -0.77 -5.24
CA PRO A 319 -18.53 -1.73 -4.36
C PRO A 319 -19.53 -1.10 -3.41
N ILE A 320 -19.14 -0.03 -2.74
CA ILE A 320 -20.05 0.63 -1.82
C ILE A 320 -21.12 1.36 -2.61
N ASP A 321 -20.78 1.76 -3.82
CA ASP A 321 -21.76 2.46 -4.66
C ASP A 321 -22.86 1.49 -5.09
N THR A 322 -22.51 0.22 -5.28
CA THR A 322 -23.48 -0.79 -5.66
C THR A 322 -24.37 -1.08 -4.47
N ILE A 324 -24.88 0.92 -1.97
CA ILE A 324 -25.67 2.12 -1.74
C ILE A 324 -26.94 2.11 -2.57
N ARG A 325 -26.92 1.39 -3.69
CA ARG A 325 -28.11 1.34 -4.54
C ARG A 325 -28.96 0.08 -4.30
N ASP A 326 -28.34 -1.09 -4.25
CA ASP A 326 -29.10 -2.32 -4.01
C ASP A 326 -29.93 -2.18 -2.74
N VAL A 327 -29.30 -1.69 -1.68
CA VAL A 327 -30.00 -1.50 -0.41
C VAL A 327 -31.15 -0.53 -0.65
N GLY A 328 -31.02 0.28 -1.69
CA GLY A 328 -32.04 1.26 -2.01
C GLY A 328 -33.31 0.73 -2.63
N ALA A 329 -33.19 0.11 -3.80
CA ALA A 329 -34.33 -0.42 -4.53
C ALA A 329 -35.06 -1.49 -3.77
N LEU A 330 -34.52 -1.81 -2.60
CA LEU A 330 -35.30 -2.59 -1.63
C LEU A 330 -36.18 -1.46 -1.01
N GLY A 331 -36.02 -0.27 -1.60
CA GLY A 331 -36.52 0.98 -1.06
C GLY A 331 -37.47 1.07 0.10
N SER A 332 -37.55 2.37 0.15
CA SER A 332 -37.21 2.90 1.50
C SER A 332 -37.79 2.68 2.79
N GLY A 333 -37.31 3.43 3.78
CA GLY A 333 -38.04 3.43 5.03
C GLY A 333 -37.38 2.70 6.15
N THR A 334 -37.52 3.22 7.36
CA THR A 334 -36.84 2.64 8.51
C THR A 334 -37.34 1.27 8.91
N LEU A 336 -38.98 -1.40 7.65
CA LEU A 336 -39.37 -2.02 6.40
C LEU A 336 -39.35 -3.53 6.47
N GLU A 337 -40.55 -4.12 6.52
CA GLU A 337 -40.73 -5.56 6.60
C GLU A 337 -40.34 -6.24 5.29
N LEU A 338 -39.27 -7.03 5.33
CA LEU A 338 -38.77 -7.72 4.14
C LEU A 338 -39.32 -9.13 3.94
N ASP A 339 -39.54 -9.49 2.68
CA ASP A 339 -40.00 -10.82 2.34
C ASP A 339 -38.77 -11.69 2.59
N ASN A 340 -38.95 -12.81 3.28
CA ASN A 340 -37.80 -13.63 3.61
C ASN A 340 -37.10 -14.26 2.39
N ALA A 341 -37.52 -13.86 1.20
CA ALA A 341 -37.01 -14.39 -0.05
C ALA A 341 -36.34 -13.31 -0.90
N LYS A 342 -36.60 -12.06 -0.55
CA LYS A 342 -35.98 -10.93 -1.22
C LYS A 342 -34.82 -10.59 -0.30
N PHE A 343 -35.06 -10.82 0.99
CA PHE A 343 -34.06 -10.57 2.01
C PHE A 343 -32.79 -11.33 1.67
N GLN A 344 -32.94 -12.60 1.29
CA GLN A 344 -31.80 -13.42 0.95
C GLN A 344 -31.37 -13.33 -0.51
N ALA A 345 -32.04 -12.45 -1.25
CA ALA A 345 -31.70 -12.22 -2.65
C ALA A 345 -30.82 -10.98 -2.61
N TRP A 346 -30.92 -10.25 -1.52
CA TRP A 346 -30.12 -9.04 -1.30
C TRP A 346 -28.96 -9.37 -0.37
N GLN A 347 -29.24 -10.06 0.73
CA GLN A 347 -28.20 -10.42 1.67
C GLN A 347 -27.03 -10.95 0.85
N SER A 348 -27.34 -11.81 -0.11
CA SER A 348 -26.33 -12.40 -0.98
C SER A 348 -25.82 -11.39 -2.01
N GLY A 349 -26.63 -10.37 -2.28
CA GLY A 349 -26.21 -9.35 -3.23
C GLY A 349 -25.30 -8.38 -2.50
N PHE A 350 -25.38 -8.40 -1.17
CA PHE A 350 -24.59 -7.55 -0.30
C PHE A 350 -23.28 -8.25 0.00
N LYS A 351 -23.35 -9.55 0.32
CA LYS A 351 -22.15 -10.33 0.63
C LYS A 351 -21.24 -10.42 -0.60
N ALA A 352 -21.83 -10.35 -1.79
CA ALA A 352 -21.07 -10.41 -3.03
C ALA A 352 -20.17 -9.19 -3.12
N GLN A 353 -20.54 -8.14 -2.40
CA GLN A 353 -19.75 -6.90 -2.38
C GLN A 353 -18.66 -7.06 -1.34
N GLU A 354 -19.04 -7.52 -0.15
CA GLU A 354 -18.09 -7.73 0.92
C GLU A 354 -16.92 -8.49 0.32
N GLU A 355 -17.23 -9.42 -0.56
CA GLU A 355 -16.21 -10.22 -1.22
C GLU A 355 -15.27 -9.29 -1.97
N ASN A 356 -15.80 -8.52 -2.90
CA ASN A 356 -14.99 -7.57 -3.67
C ASN A 356 -14.07 -6.79 -2.76
N LEU A 357 -14.65 -6.02 -1.84
CA LEU A 357 -13.88 -5.23 -0.90
C LEU A 357 -12.74 -6.06 -0.30
N LYS A 358 -13.09 -7.24 0.18
CA LYS A 358 -12.11 -8.14 0.77
C LYS A 358 -11.00 -8.50 -0.20
N ASN A 359 -11.37 -8.71 -1.47
CA ASN A 359 -10.37 -9.05 -2.48
C ASN A 359 -9.43 -7.90 -2.80
N THR A 360 -9.94 -6.68 -2.78
CA THR A 360 -9.09 -5.53 -3.07
C THR A 360 -8.08 -5.37 -1.94
N LEU A 361 -8.55 -5.44 -0.69
CA LEU A 361 -7.65 -5.30 0.45
C LEU A 361 -6.53 -6.31 0.39
N GLN A 362 -6.86 -7.59 0.17
CA GLN A 362 -5.84 -8.63 0.09
C GLN A 362 -4.94 -8.41 -1.12
N THR A 363 -5.55 -8.08 -2.26
CA THR A 363 -4.78 -7.85 -3.47
C THR A 363 -3.77 -6.75 -3.21
N LEU A 364 -4.26 -5.56 -2.83
CA LEU A 364 -3.39 -4.44 -2.55
C LEU A 364 -2.36 -4.82 -1.48
N THR A 365 -2.78 -5.65 -0.53
CA THR A 365 -1.89 -6.11 0.54
C THR A 365 -0.83 -7.05 -0.03
N GLN A 366 -1.22 -7.87 -1.00
CA GLN A 366 -0.28 -8.80 -1.61
C GLN A 366 0.68 -8.04 -2.53
N LYS A 367 0.17 -6.99 -3.18
CA LYS A 367 0.98 -6.17 -4.05
C LYS A 367 2.08 -5.55 -3.19
N TYR A 368 1.70 -5.16 -1.98
CA TYR A 368 2.63 -4.54 -1.04
C TYR A 368 3.73 -5.46 -0.58
N SER A 369 3.38 -6.61 -0.01
CA SER A 369 4.37 -7.56 0.48
C SER A 369 5.39 -7.87 -0.59
N ASN A 370 4.92 -8.07 -1.82
CA ASN A 370 5.82 -8.35 -2.93
C ASN A 370 6.77 -7.18 -3.09
N ALA A 371 6.21 -5.97 -3.12
CA ALA A 371 6.99 -4.76 -3.25
C ALA A 371 7.98 -4.67 -2.09
N ASN A 372 7.53 -5.11 -0.92
CA ASN A 372 8.37 -5.08 0.26
C ASN A 372 9.48 -6.13 0.14
N SER A 373 9.12 -7.30 -0.35
CA SER A 373 10.10 -8.38 -0.52
C SER A 373 11.15 -8.00 -1.55
N LEU A 374 10.80 -7.10 -2.46
CA LEU A 374 11.74 -6.63 -3.49
C LEU A 374 12.75 -5.70 -2.85
N PHE A 375 12.27 -4.76 -2.03
CA PHE A 375 13.13 -3.81 -1.34
C PHE A 375 14.10 -4.60 -0.48
N ASP A 376 13.58 -5.64 0.17
CA ASP A 376 14.39 -6.47 1.04
C ASP A 376 15.52 -7.11 0.24
N ASN A 377 15.16 -7.90 -0.78
CA ASN A 377 16.14 -8.55 -1.62
C ASN A 377 17.16 -7.55 -2.13
N LEU A 378 16.69 -6.34 -2.44
CA LEU A 378 17.57 -5.29 -2.92
C LEU A 378 18.62 -4.98 -1.86
N VAL A 379 18.16 -4.69 -0.64
CA VAL A 379 19.07 -4.39 0.44
C VAL A 379 20.03 -5.57 0.61
N LYS A 380 19.49 -6.78 0.50
CA LYS A 380 20.30 -7.99 0.62
C LYS A 380 21.52 -7.81 -0.29
N VAL A 381 21.25 -7.69 -1.60
CA VAL A 381 22.30 -7.51 -2.59
C VAL A 381 23.29 -6.42 -2.19
N LEU A 382 22.79 -5.22 -1.94
CA LEU A 382 23.64 -4.11 -1.53
C LEU A 382 24.43 -4.46 -0.28
N SER A 383 23.93 -5.44 0.47
CA SER A 383 24.59 -5.88 1.69
C SER A 383 25.64 -6.92 1.38
N SER A 384 25.34 -7.79 0.42
CA SER A 384 26.28 -8.84 0.01
C SER A 384 27.51 -8.16 -0.59
N THR A 385 27.27 -7.20 -1.48
CA THR A 385 28.36 -6.46 -2.11
C THR A 385 29.20 -5.76 -1.04
N ILE A 386 28.53 -4.94 -0.22
CA ILE A 386 29.22 -4.21 0.85
C ILE A 386 30.09 -5.14 1.70
N SER A 387 29.52 -6.25 2.13
CA SER A 387 30.25 -7.21 2.94
C SER A 387 31.47 -7.71 2.18
N SER A 388 31.28 -8.04 0.91
CA SER A 388 32.35 -8.52 0.05
C SER A 388 33.52 -7.55 0.04
N CYS A 389 33.23 -6.28 -0.22
CA CYS A 389 34.27 -5.26 -0.27
C CYS A 389 34.95 -5.20 1.09
N LEU A 390 34.16 -5.01 2.14
CA LEU A 390 34.67 -4.94 3.51
C LEU A 390 35.59 -6.12 3.82
N GLU A 391 35.33 -7.25 3.20
CA GLU A 391 36.16 -8.43 3.42
C GLU A 391 37.39 -8.31 2.52
N THR A 392 38.26 -7.38 2.88
CA THR A 392 39.51 -7.12 2.16
C THR A 392 40.27 -6.03 2.92
#